data_5N1B
#
_entry.id   5N1B
#
_cell.length_a   147.580
_cell.length_b   60.600
_cell.length_c   115.980
_cell.angle_alpha   90.00
_cell.angle_beta   124.62
_cell.angle_gamma   90.00
#
_symmetry.space_group_name_H-M   'C 1 2 1'
#
loop_
_entity.id
_entity.type
_entity.pdbx_description
1 polymer 'Protein-arginine deiminase type-4'
2 non-polymer 'SULFATE ION'
3 non-polymer 'CALCIUM ION'
4 non-polymer ~{N}-[(1~{S})-1-(1~{H}-benzimidazol-2-yl)-4-(ethanimidoylamino)butyl]-3-oxidanylidene-isoindole-4-carboxamide
5 water water
#
_entity_poly.entity_id   1
_entity_poly.type   'polypeptide(L)'
_entity_poly.pdbx_seq_one_letter_code
;GPLGSPQMAQGTLIRVTPEQPTHAVCVLGTLTQLDICSSAPEDCTSFSINASPGVVVDIAHSPPAKKKSTGSSTWPLDPG
VEVTLTMKAASGSTGDQKVQISYYGPKTPPVKALLYLTAVEISLCADITRTGKVKPTRAVKDQRTWTWGPCGQGAILLVN
CDRDNLESSAMDCEDDEVLDSEDLQDMSLMTLSTKTPKDFFTNHTLVLHVARSEMDKVRVFQATRGKLSSKCSVVLGPKW
PSHYLMVPGGKHNMDFYVEALAFPDTDFPGLITLTISLLDTSNLELPEAVVFQDSVVFRVAPWIMTPNTQPPQEVYACSI
FENEDFLKSVTTLAMKAKCKLTICPEEENMDDQWMQDEMEIGYIQAPHKTLPVVFDSPRNRGLKEFPIKRVMGPDFGYVT
RGPQTGGISGLDSFGNLEVSPPVTVRGKEYPLGRILFGDSCYPSNDSRQMHQALQDFLSAQQVQAPVKLYSDWLSVGHVD
EFLSFVPAPDRKGFRLLLASPRSCYKLFQEQQNEGHGEALLFEGIKKKKQQKIKNILSNKTLREHNSFVERCIDWNRELL
KRELGLAESDIIDIPQLFKLKEFSKAEAFFPNMVNMLVLGKHLGIPKPFGPVINGRCCLEEKVCSLLEPLGLQCTFINDF
FTYHIRHGEVHCGTNVRRKPFSFKWWNMVP
;
_entity_poly.pdbx_strand_id   A
#
# COMPACT_ATOMS: atom_id res chain seq x y z
N THR A 12 -29.85 1.48 -25.69
CA THR A 12 -31.00 0.54 -25.90
C THR A 12 -31.69 0.76 -27.27
N LEU A 13 -32.32 -0.30 -27.78
CA LEU A 13 -33.08 -0.20 -29.01
C LEU A 13 -34.56 -0.22 -28.69
N ILE A 14 -35.23 0.88 -29.02
CA ILE A 14 -36.69 1.02 -28.91
C ILE A 14 -37.39 0.69 -30.24
N ARG A 15 -38.33 -0.25 -30.18
CA ARG A 15 -39.10 -0.70 -31.34
C ARG A 15 -40.43 0.00 -31.35
N VAL A 16 -40.66 0.79 -32.41
CA VAL A 16 -41.85 1.66 -32.58
C VAL A 16 -42.93 1.00 -33.44
N THR A 17 -44.20 1.42 -33.24
CA THR A 17 -45.33 0.77 -33.94
C THR A 17 -46.48 1.70 -34.36
N PRO A 18 -46.92 1.59 -35.61
CA PRO A 18 -48.19 2.22 -35.93
C PRO A 18 -49.32 1.46 -35.25
N GLU A 19 -49.11 0.16 -35.02
CA GLU A 19 -50.05 -0.61 -34.21
C GLU A 19 -50.42 0.16 -32.91
N GLN A 20 -49.41 0.54 -32.15
CA GLN A 20 -49.62 1.00 -30.79
C GLN A 20 -48.64 2.10 -30.38
N PRO A 21 -49.09 3.07 -29.54
CA PRO A 21 -48.11 4.05 -29.03
C PRO A 21 -47.12 3.40 -28.05
N THR A 22 -45.84 3.79 -28.10
CA THR A 22 -44.81 3.20 -27.26
C THR A 22 -44.41 4.12 -26.09
N HIS A 23 -44.15 3.53 -24.93
CA HIS A 23 -43.66 4.27 -23.76
C HIS A 23 -42.28 3.79 -23.39
N ALA A 24 -41.39 4.72 -23.05
CA ALA A 24 -40.04 4.34 -22.63
C ALA A 24 -39.41 5.36 -21.71
N VAL A 25 -38.42 4.87 -20.95
CA VAL A 25 -37.57 5.71 -20.13
C VAL A 25 -36.24 5.91 -20.87
N CYS A 26 -35.58 7.04 -20.59
CA CYS A 26 -34.30 7.38 -21.20
C CYS A 26 -33.36 8.02 -20.23
N VAL A 27 -32.33 7.28 -19.82
CA VAL A 27 -31.29 7.80 -18.93
C VAL A 27 -30.37 8.75 -19.73
N LEU A 28 -30.19 9.98 -19.21
CA LEU A 28 -29.27 10.96 -19.84
C LEU A 28 -27.83 10.47 -19.84
N GLY A 29 -27.11 10.76 -20.92
CA GLY A 29 -25.74 10.28 -21.11
C GLY A 29 -25.67 8.90 -21.73
N THR A 30 -26.83 8.26 -21.92
CA THR A 30 -26.90 6.99 -22.64
C THR A 30 -27.34 7.24 -24.08
N LEU A 31 -26.86 6.38 -24.97
CA LEU A 31 -27.28 6.38 -26.35
C LEU A 31 -28.60 5.62 -26.54
N THR A 32 -29.65 6.29 -27.03
CA THR A 32 -30.91 5.60 -27.34
C THR A 32 -31.13 5.52 -28.85
N GLN A 33 -31.56 4.36 -29.35
CA GLN A 33 -31.73 4.14 -30.80
C GLN A 33 -33.09 3.55 -31.16
N LEU A 34 -33.42 3.70 -32.43
CA LEU A 34 -34.75 3.41 -32.90
C LEU A 34 -34.76 2.40 -34.03
N ASP A 35 -35.51 1.32 -33.80
CA ASP A 35 -35.82 0.36 -34.83
C ASP A 35 -37.11 0.83 -35.50
N ILE A 36 -37.00 1.21 -36.76
CA ILE A 36 -38.11 1.82 -37.48
C ILE A 36 -38.71 0.85 -38.48
N CYS A 37 -37.88 0.04 -39.10
CA CYS A 37 -38.35 -0.83 -40.16
C CYS A 37 -39.16 -2.03 -39.65
N SER A 38 -38.64 -2.76 -38.67
CA SER A 38 -39.23 -4.07 -38.30
C SER A 38 -40.76 -4.13 -38.35
N SER A 39 -41.42 -3.13 -37.80
CA SER A 39 -42.89 -3.11 -37.72
C SER A 39 -43.54 -2.00 -38.59
N ALA A 40 -42.83 -1.60 -39.66
CA ALA A 40 -43.31 -0.52 -40.53
C ALA A 40 -44.42 -1.04 -41.43
N PRO A 41 -45.56 -0.34 -41.49
CA PRO A 41 -46.67 -0.88 -42.28
C PRO A 41 -46.36 -0.81 -43.77
N GLU A 42 -47.24 -1.37 -44.61
CA GLU A 42 -46.91 -1.52 -46.02
C GLU A 42 -47.48 -0.33 -46.81
N ASP A 43 -47.42 -0.40 -48.13
CA ASP A 43 -47.66 0.73 -49.01
C ASP A 43 -46.57 1.79 -48.78
N CYS A 44 -45.47 1.43 -48.11
CA CYS A 44 -44.57 2.45 -47.55
C CYS A 44 -43.10 2.36 -47.95
N THR A 45 -42.58 3.51 -48.37
CA THR A 45 -41.23 3.67 -48.88
C THR A 45 -40.35 4.55 -47.99
N SER A 46 -40.98 5.48 -47.26
CA SER A 46 -40.28 6.63 -46.68
C SER A 46 -40.84 7.00 -45.33
N PHE A 47 -40.05 7.76 -44.57
CA PHE A 47 -40.46 8.21 -43.23
C PHE A 47 -39.93 9.61 -42.84
N SER A 48 -40.58 10.19 -41.84
CA SER A 48 -40.14 11.44 -41.23
C SER A 48 -40.15 11.26 -39.73
N ILE A 49 -39.23 11.94 -39.06
CA ILE A 49 -39.26 12.03 -37.63
C ILE A 49 -39.60 13.47 -37.30
N ASN A 50 -40.52 13.64 -36.38
CA ASN A 50 -40.87 14.90 -35.78
C ASN A 50 -40.74 14.62 -34.30
N ALA A 51 -40.35 15.64 -33.53
CA ALA A 51 -40.01 15.46 -32.12
C ALA A 51 -40.18 16.73 -31.29
N SER A 52 -40.54 16.56 -30.01
CA SER A 52 -40.59 17.66 -29.02
C SER A 52 -39.21 18.28 -28.84
N PRO A 53 -39.15 19.60 -28.52
CA PRO A 53 -37.87 20.32 -28.47
C PRO A 53 -36.83 19.73 -27.52
N GLY A 54 -37.26 19.09 -26.43
CA GLY A 54 -36.33 18.33 -25.55
C GLY A 54 -35.49 17.17 -26.19
N VAL A 55 -35.89 16.71 -27.37
CA VAL A 55 -35.29 15.56 -28.03
C VAL A 55 -34.47 15.97 -29.24
N VAL A 56 -33.21 15.55 -29.24
CA VAL A 56 -32.33 15.75 -30.38
C VAL A 56 -32.20 14.42 -31.10
N VAL A 57 -32.33 14.48 -32.43
CA VAL A 57 -32.53 13.30 -33.30
C VAL A 57 -31.52 13.26 -34.46
N ASP A 58 -30.69 12.20 -34.55
CA ASP A 58 -29.56 12.19 -35.53
C ASP A 58 -29.59 11.05 -36.53
N ILE A 59 -29.14 11.33 -37.76
CA ILE A 59 -29.13 10.33 -38.83
C ILE A 59 -28.00 10.58 -39.83
N SER A 73 -34.74 16.65 -45.22
CA SER A 73 -35.16 16.30 -43.87
C SER A 73 -36.21 15.16 -43.81
N THR A 74 -36.33 14.35 -44.87
CA THR A 74 -37.09 13.09 -44.84
C THR A 74 -36.27 11.99 -45.53
N TRP A 75 -36.58 10.72 -45.23
CA TRP A 75 -35.62 9.60 -45.46
C TRP A 75 -36.27 8.28 -45.95
N PRO A 76 -35.50 7.45 -46.70
CA PRO A 76 -36.03 6.16 -47.17
C PRO A 76 -36.01 5.09 -46.08
N LEU A 77 -36.89 4.10 -46.23
CA LEU A 77 -37.08 3.07 -45.23
C LEU A 77 -36.03 1.97 -45.42
N ASP A 78 -34.83 2.24 -44.94
CA ASP A 78 -33.66 1.38 -45.12
C ASP A 78 -33.18 0.93 -43.73
N PRO A 79 -33.29 -0.38 -43.40
CA PRO A 79 -32.96 -0.82 -42.02
C PRO A 79 -31.51 -0.61 -41.59
N GLY A 80 -30.61 -0.35 -42.54
CA GLY A 80 -29.19 -0.13 -42.25
C GLY A 80 -28.80 1.27 -41.80
N VAL A 81 -29.64 2.26 -42.09
CA VAL A 81 -29.35 3.65 -41.68
C VAL A 81 -29.97 3.96 -40.31
N GLU A 82 -29.19 4.62 -39.46
CA GLU A 82 -29.45 4.67 -38.00
C GLU A 82 -30.01 5.99 -37.49
N VAL A 83 -30.99 5.86 -36.59
CA VAL A 83 -31.62 6.99 -35.90
C VAL A 83 -31.23 6.87 -34.43
N THR A 84 -30.89 8.03 -33.86
CA THR A 84 -30.31 8.15 -32.51
C THR A 84 -31.00 9.29 -31.76
N LEU A 85 -31.24 9.07 -30.47
CA LEU A 85 -32.00 9.99 -29.62
C LEU A 85 -31.24 10.36 -28.36
N THR A 86 -30.99 11.67 -28.18
CA THR A 86 -30.47 12.18 -26.91
C THR A 86 -31.45 13.24 -26.38
N MET A 87 -31.71 13.17 -25.07
CA MET A 87 -32.60 14.11 -24.36
C MET A 87 -31.69 15.16 -23.73
N LYS A 88 -32.07 16.43 -23.81
CA LYS A 88 -31.24 17.52 -23.26
C LYS A 88 -31.32 17.62 -21.74
N ALA A 89 -32.52 17.41 -21.20
CA ALA A 89 -32.78 17.58 -19.78
C ALA A 89 -33.69 16.48 -19.23
N ALA A 90 -33.64 16.29 -17.91
CA ALA A 90 -34.65 15.52 -17.18
C ALA A 90 -36.11 15.98 -17.42
N SER A 91 -37.02 15.03 -17.50
CA SER A 91 -38.45 15.25 -17.63
C SER A 91 -39.02 15.70 -16.31
N GLY A 92 -40.00 16.61 -16.41
CA GLY A 92 -40.82 17.01 -15.27
C GLY A 92 -41.96 16.03 -15.05
N SER A 93 -42.43 15.40 -16.12
CA SER A 93 -43.48 14.40 -15.97
C SER A 93 -43.36 13.23 -16.93
N THR A 94 -43.87 12.08 -16.51
CA THR A 94 -43.93 10.89 -17.36
C THR A 94 -44.34 11.22 -18.79
N GLY A 95 -43.69 10.59 -19.75
CA GLY A 95 -44.05 10.74 -21.15
C GLY A 95 -43.86 12.10 -21.80
N ASP A 96 -43.34 13.09 -21.08
CA ASP A 96 -43.45 14.51 -21.52
C ASP A 96 -42.57 14.95 -22.70
N GLN A 97 -41.78 14.06 -23.25
CA GLN A 97 -41.17 14.29 -24.53
C GLN A 97 -41.78 13.25 -25.49
N LYS A 98 -41.95 13.62 -26.73
CA LYS A 98 -42.72 12.86 -27.69
C LYS A 98 -41.96 12.86 -28.96
N VAL A 99 -42.11 11.75 -29.68
CA VAL A 99 -41.46 11.55 -30.97
C VAL A 99 -42.53 10.97 -31.84
N GLN A 100 -42.49 11.29 -33.13
CA GLN A 100 -43.53 10.88 -34.10
C GLN A 100 -42.89 10.44 -35.38
N ILE A 101 -43.10 9.19 -35.75
CA ILE A 101 -42.54 8.65 -37.00
C ILE A 101 -43.67 8.53 -38.01
N SER A 102 -43.50 9.27 -39.10
CA SER A 102 -44.45 9.29 -40.22
C SER A 102 -43.96 8.34 -41.33
N TYR A 103 -44.69 7.25 -41.57
CA TYR A 103 -44.44 6.37 -42.72
C TYR A 103 -45.28 6.87 -43.92
N TYR A 104 -44.66 6.94 -45.11
CA TYR A 104 -45.35 7.37 -46.32
C TYR A 104 -44.73 6.76 -47.56
N GLY A 105 -45.58 6.57 -48.58
CA GLY A 105 -45.19 5.99 -49.88
C GLY A 105 -45.98 6.68 -50.98
N PRO A 106 -45.71 6.36 -52.25
CA PRO A 106 -46.38 7.13 -53.29
C PRO A 106 -47.90 7.16 -53.25
N LYS A 107 -48.54 6.00 -53.30
CA LYS A 107 -50.00 6.00 -53.34
C LYS A 107 -50.55 6.48 -52.01
N THR A 108 -49.82 6.09 -50.97
CA THR A 108 -50.24 6.07 -49.57
C THR A 108 -50.29 7.40 -48.73
N PRO A 109 -51.35 7.58 -47.94
CA PRO A 109 -51.45 8.65 -46.95
C PRO A 109 -50.68 8.33 -45.69
N PRO A 110 -50.08 9.36 -45.07
CA PRO A 110 -49.22 9.20 -43.88
C PRO A 110 -49.80 8.32 -42.79
N VAL A 111 -49.03 7.33 -42.34
CA VAL A 111 -49.37 6.65 -41.10
C VAL A 111 -48.29 6.91 -40.07
N LYS A 112 -48.76 7.27 -38.86
CA LYS A 112 -47.94 7.78 -37.76
C LYS A 112 -47.71 6.71 -36.70
N ALA A 113 -46.48 6.63 -36.21
CA ALA A 113 -46.17 5.87 -35.01
C ALA A 113 -45.66 6.85 -33.94
N LEU A 114 -46.33 6.80 -32.79
CA LEU A 114 -46.12 7.73 -31.66
C LEU A 114 -45.23 7.10 -30.61
N LEU A 115 -44.38 7.93 -30.01
CA LEU A 115 -43.45 7.49 -28.98
C LEU A 115 -43.46 8.50 -27.86
N TYR A 116 -43.63 8.00 -26.63
CA TYR A 116 -43.61 8.83 -25.42
C TYR A 116 -42.38 8.44 -24.58
N LEU A 117 -41.49 9.40 -24.35
CA LEU A 117 -40.27 9.15 -23.57
C LEU A 117 -40.23 9.98 -22.31
N THR A 118 -39.60 9.43 -21.28
CA THR A 118 -39.38 10.13 -20.04
C THR A 118 -37.86 10.11 -19.85
N ALA A 119 -37.29 11.31 -19.67
CA ALA A 119 -35.87 11.50 -19.46
C ALA A 119 -35.55 11.55 -17.97
N VAL A 120 -34.47 10.91 -17.57
CA VAL A 120 -34.03 10.93 -16.17
C VAL A 120 -32.49 11.02 -16.04
N GLU A 121 -32.07 11.71 -14.98
CA GLU A 121 -30.70 11.69 -14.49
C GLU A 121 -30.53 10.51 -13.52
N ILE A 122 -29.53 9.67 -13.75
CA ILE A 122 -29.08 8.70 -12.74
C ILE A 122 -27.53 8.69 -12.67
N SER A 123 -26.97 9.44 -11.72
CA SER A 123 -25.53 9.57 -11.61
C SER A 123 -25.03 8.99 -10.30
N LEU A 124 -24.50 7.80 -10.36
CA LEU A 124 -23.68 7.29 -9.27
C LEU A 124 -22.32 7.98 -9.44
N CYS A 125 -21.85 8.68 -8.40
CA CYS A 125 -20.58 9.45 -8.47
C CYS A 125 -19.63 9.15 -7.32
N ALA A 126 -18.34 9.16 -7.65
CA ALA A 126 -17.22 8.99 -6.70
C ALA A 126 -16.03 9.83 -7.17
N ASP A 127 -15.12 10.14 -6.27
CA ASP A 127 -13.87 10.82 -6.63
C ASP A 127 -12.96 9.99 -7.57
N ILE A 128 -13.37 9.85 -8.83
CA ILE A 128 -12.55 9.13 -9.83
C ILE A 128 -11.34 9.90 -10.38
N THR A 129 -11.29 11.22 -10.14
CA THR A 129 -10.12 12.06 -10.50
C THR A 129 -9.04 12.14 -9.40
N ARG A 130 -9.36 11.65 -8.20
CA ARG A 130 -8.40 11.51 -7.09
C ARG A 130 -7.98 12.83 -6.47
N THR A 131 -8.94 13.75 -6.33
CA THR A 131 -8.71 15.12 -5.84
C THR A 131 -9.49 15.49 -4.57
N GLY A 132 -10.37 14.63 -4.08
CA GLY A 132 -11.32 14.98 -3.01
C GLY A 132 -12.48 15.79 -3.58
N ARG A 144 -15.38 4.47 -15.85
CA ARG A 144 -16.03 3.17 -16.05
C ARG A 144 -15.14 1.96 -15.66
N THR A 145 -13.81 2.10 -15.75
CA THR A 145 -12.83 1.11 -15.21
C THR A 145 -11.68 1.81 -14.39
N TRP A 146 -10.80 1.02 -13.77
CA TRP A 146 -9.67 1.57 -12.97
C TRP A 146 -8.33 1.53 -13.73
N THR A 147 -7.66 2.67 -13.84
CA THR A 147 -6.38 2.71 -14.56
C THR A 147 -5.29 3.49 -13.80
N TRP A 148 -4.05 2.96 -13.82
CA TRP A 148 -2.89 3.61 -13.16
C TRP A 148 -2.34 4.84 -13.90
N GLY A 149 -1.73 5.74 -13.12
CA GLY A 149 -0.94 6.84 -13.64
C GLY A 149 -1.55 8.23 -13.46
N PRO A 150 -0.75 9.27 -13.74
CA PRO A 150 -1.25 10.63 -13.66
C PRO A 150 -2.45 10.89 -14.57
N CYS A 151 -2.50 10.23 -15.73
CA CYS A 151 -3.63 10.39 -16.67
C CYS A 151 -4.79 9.44 -16.38
N GLY A 152 -4.62 8.51 -15.42
CA GLY A 152 -5.59 7.45 -15.20
C GLY A 152 -6.84 7.87 -14.43
N GLN A 153 -7.77 6.94 -14.30
CA GLN A 153 -9.06 7.16 -13.65
C GLN A 153 -9.37 6.00 -12.73
N GLY A 154 -9.87 6.31 -11.53
CA GLY A 154 -10.53 5.33 -10.68
C GLY A 154 -10.50 5.83 -9.25
N ALA A 155 -11.61 5.70 -8.54
CA ALA A 155 -11.70 6.14 -7.15
C ALA A 155 -10.77 5.37 -6.26
N ILE A 156 -10.42 5.97 -5.12
CA ILE A 156 -9.62 5.28 -4.09
C ILE A 156 -10.39 4.96 -2.80
N LEU A 157 -10.03 3.82 -2.21
CA LEU A 157 -10.70 3.27 -1.08
C LEU A 157 -9.70 2.60 -0.15
N LEU A 158 -9.88 2.91 1.14
CA LEU A 158 -8.93 2.60 2.20
C LEU A 158 -9.51 1.48 3.06
N VAL A 159 -8.67 0.55 3.47
CA VAL A 159 -9.07 -0.46 4.44
C VAL A 159 -9.14 0.28 5.74
N ASN A 160 -10.28 0.16 6.42
CA ASN A 160 -10.59 0.92 7.64
C ASN A 160 -10.16 0.04 8.77
N CYS A 161 -8.85 -0.07 8.94
CA CYS A 161 -8.22 -1.04 9.86
C CYS A 161 -7.65 -0.35 11.10
N ASP A 162 -8.05 0.91 11.32
CA ASP A 162 -7.67 1.62 12.53
C ASP A 162 -8.77 1.44 13.58
N ARG A 163 -8.68 2.24 14.63
CA ARG A 163 -9.63 2.16 15.74
C ARG A 163 -9.91 3.52 16.38
N ASP A 164 -10.68 4.35 15.64
CA ASP A 164 -11.14 5.64 16.12
C ASP A 164 -12.07 5.49 17.33
N ASN A 165 -12.71 4.32 17.46
CA ASN A 165 -13.46 3.99 18.67
C ASN A 165 -12.50 3.87 19.86
N LEU A 166 -12.74 4.71 20.86
CA LEU A 166 -11.89 4.81 22.06
C LEU A 166 -12.07 3.64 23.00
N GLU A 167 -13.26 3.04 22.98
CA GLU A 167 -13.58 1.96 23.90
C GLU A 167 -12.95 0.63 23.49
N SER A 168 -13.36 0.14 22.31
CA SER A 168 -13.18 -1.26 21.91
C SER A 168 -11.75 -1.66 21.60
N SER A 169 -11.57 -2.98 21.48
CA SER A 169 -10.32 -3.59 21.06
C SER A 169 -10.22 -3.74 19.54
N ALA A 170 -11.38 -3.80 18.86
CA ALA A 170 -11.44 -4.23 17.47
C ALA A 170 -11.18 -3.10 16.48
N MET A 171 -10.74 -3.50 15.28
CA MET A 171 -10.67 -2.61 14.12
C MET A 171 -12.07 -2.06 13.75
N ASP A 172 -12.12 -0.78 13.37
CA ASP A 172 -13.39 -0.20 12.94
C ASP A 172 -14.19 -1.14 12.00
N CYS A 173 -13.52 -1.75 11.03
CA CYS A 173 -14.19 -2.47 9.93
C CYS A 173 -14.84 -3.84 10.26
N GLU A 174 -14.70 -4.33 11.50
CA GLU A 174 -15.19 -5.66 11.86
C GLU A 174 -16.68 -5.74 12.27
N ASP A 175 -17.28 -4.63 12.67
CA ASP A 175 -18.71 -4.58 12.98
C ASP A 175 -19.48 -3.91 11.85
N ASP A 176 -20.79 -3.76 12.02
CA ASP A 176 -21.70 -3.29 10.95
C ASP A 176 -22.28 -1.90 11.21
N GLU A 177 -21.46 -1.03 11.82
CA GLU A 177 -21.89 0.27 12.33
C GLU A 177 -20.80 1.33 12.21
N VAL A 178 -21.20 2.57 11.95
CA VAL A 178 -20.35 3.72 12.22
C VAL A 178 -20.63 4.19 13.64
N LEU A 179 -19.63 4.10 14.51
CA LEU A 179 -19.81 4.46 15.93
C LEU A 179 -19.36 5.88 16.30
N ASP A 180 -18.49 6.50 15.48
CA ASP A 180 -17.97 7.85 15.71
C ASP A 180 -18.07 8.64 14.42
N SER A 181 -18.41 9.93 14.50
CA SER A 181 -18.39 10.77 13.30
C SER A 181 -16.98 10.70 12.67
N GLU A 182 -15.97 10.91 13.52
CA GLU A 182 -14.53 10.76 13.19
C GLU A 182 -14.24 9.66 12.19
N ASP A 183 -14.82 8.50 12.45
CA ASP A 183 -14.72 7.31 11.60
C ASP A 183 -15.02 7.56 10.10
N LEU A 184 -16.03 8.39 9.81
CA LEU A 184 -16.34 8.85 8.41
C LEU A 184 -15.19 9.46 7.63
N GLN A 185 -14.21 10.03 8.32
CA GLN A 185 -13.14 10.70 7.62
C GLN A 185 -12.24 9.71 6.86
N ASP A 186 -12.29 8.44 7.26
CA ASP A 186 -11.53 7.34 6.63
C ASP A 186 -12.19 6.75 5.36
N MET A 187 -13.50 6.95 5.27
CA MET A 187 -14.35 6.24 4.36
C MET A 187 -14.43 7.00 3.05
N SER A 188 -14.73 6.27 1.99
CA SER A 188 -14.82 6.84 0.66
C SER A 188 -16.25 7.23 0.38
N LEU A 189 -16.41 8.47 -0.09
CA LEU A 189 -17.71 9.02 -0.39
C LEU A 189 -18.08 8.70 -1.80
N MET A 190 -19.35 8.34 -1.97
CA MET A 190 -19.99 8.04 -3.25
C MET A 190 -21.39 8.66 -3.22
N THR A 191 -21.84 9.34 -4.27
CA THR A 191 -23.20 9.94 -4.24
C THR A 191 -24.09 9.48 -5.40
N LEU A 192 -25.38 9.33 -5.12
CA LEU A 192 -26.37 9.05 -6.14
C LEU A 192 -27.13 10.31 -6.37
N SER A 193 -27.16 10.79 -7.61
CA SER A 193 -27.90 11.98 -7.98
C SER A 193 -28.95 11.61 -8.97
N THR A 194 -30.21 11.87 -8.60
CA THR A 194 -31.35 11.62 -9.48
C THR A 194 -32.08 12.89 -9.77
N LYS A 195 -32.59 12.99 -10.99
CA LYS A 195 -33.71 13.88 -11.30
C LYS A 195 -34.74 13.14 -12.16
N THR A 196 -35.98 13.13 -11.69
CA THR A 196 -37.06 12.38 -12.34
C THR A 196 -38.35 13.15 -12.18
N PRO A 197 -39.40 12.72 -12.87
CA PRO A 197 -40.72 13.17 -12.49
C PRO A 197 -41.08 12.77 -11.08
N LYS A 198 -42.05 13.46 -10.50
CA LYS A 198 -42.38 13.34 -9.09
C LYS A 198 -43.02 12.01 -8.73
N ASP A 199 -43.64 11.35 -9.71
CA ASP A 199 -44.29 10.05 -9.53
C ASP A 199 -43.46 8.88 -10.07
N PHE A 200 -42.20 9.11 -10.39
CA PHE A 200 -41.44 8.15 -11.16
C PHE A 200 -41.22 6.83 -10.43
N PHE A 201 -41.15 6.87 -9.10
CA PHE A 201 -40.91 5.66 -8.32
C PHE A 201 -42.20 4.96 -7.88
N THR A 202 -43.30 5.28 -8.56
CA THR A 202 -44.45 4.41 -8.63
C THR A 202 -44.17 3.16 -9.47
N ASN A 203 -43.44 3.35 -10.57
CA ASN A 203 -43.24 2.32 -11.60
C ASN A 203 -41.81 1.81 -11.70
N HIS A 204 -40.88 2.52 -11.08
CA HIS A 204 -39.49 2.11 -11.08
C HIS A 204 -38.94 2.03 -9.66
N THR A 205 -37.91 1.21 -9.49
CA THR A 205 -37.20 1.12 -8.23
C THR A 205 -35.68 1.02 -8.51
N LEU A 206 -34.87 1.73 -7.71
CA LEU A 206 -33.39 1.60 -7.81
C LEU A 206 -32.75 0.59 -6.84
N VAL A 207 -31.87 -0.24 -7.35
CA VAL A 207 -31.13 -1.18 -6.53
C VAL A 207 -29.64 -0.83 -6.59
N LEU A 208 -28.95 -1.13 -5.51
CA LEU A 208 -27.54 -0.99 -5.40
C LEU A 208 -27.03 -2.36 -5.03
N HIS A 209 -25.88 -2.74 -5.58
CA HIS A 209 -25.35 -4.05 -5.33
C HIS A 209 -23.90 -4.09 -5.61
N VAL A 210 -23.32 -5.23 -5.27
CA VAL A 210 -21.91 -5.59 -5.47
C VAL A 210 -21.90 -7.09 -5.65
N ALA A 211 -20.93 -7.61 -6.39
CA ALA A 211 -20.79 -9.06 -6.56
C ALA A 211 -20.63 -9.76 -5.21
N ARG A 212 -21.27 -10.93 -5.11
CA ARG A 212 -21.06 -11.87 -4.00
C ARG A 212 -19.57 -12.27 -3.80
N SER A 213 -18.88 -12.34 -4.94
CA SER A 213 -17.42 -12.43 -5.05
C SER A 213 -16.74 -11.43 -4.13
N GLU A 214 -17.24 -10.19 -4.11
CA GLU A 214 -16.62 -9.12 -3.35
C GLU A 214 -17.30 -8.61 -2.07
N MET A 215 -18.49 -9.11 -1.70
CA MET A 215 -19.24 -8.54 -0.49
C MET A 215 -18.51 -8.74 0.87
N ASP A 216 -17.68 -9.78 0.98
CA ASP A 216 -16.77 -9.94 2.11
C ASP A 216 -15.61 -8.92 2.17
N LYS A 217 -15.44 -8.07 1.16
CA LYS A 217 -14.33 -7.16 1.13
C LYS A 217 -14.73 -5.69 1.12
N VAL A 218 -16.01 -5.40 1.35
CA VAL A 218 -16.56 -4.04 1.28
C VAL A 218 -17.70 -3.85 2.29
N ARG A 219 -17.97 -2.59 2.66
CA ARG A 219 -19.17 -2.26 3.39
C ARG A 219 -19.54 -0.82 3.02
N VAL A 220 -20.85 -0.53 3.03
CA VAL A 220 -21.38 0.74 2.53
C VAL A 220 -22.46 1.23 3.49
N PHE A 221 -22.44 2.53 3.82
CA PHE A 221 -23.38 3.12 4.78
C PHE A 221 -24.14 4.26 4.13
N GLN A 222 -25.47 4.22 4.25
CA GLN A 222 -26.29 5.28 3.71
C GLN A 222 -26.43 6.41 4.74
N ALA A 223 -26.32 7.65 4.25
CA ALA A 223 -26.52 8.87 5.04
C ALA A 223 -27.66 9.73 4.41
N CYS A 232 -27.09 7.30 9.53
CA CYS A 232 -26.01 6.53 8.96
C CYS A 232 -26.13 5.01 9.22
N SER A 233 -26.73 4.29 8.27
CA SER A 233 -26.98 2.84 8.45
C SER A 233 -26.43 2.05 7.29
N VAL A 234 -26.04 0.79 7.57
CA VAL A 234 -25.45 -0.14 6.56
C VAL A 234 -26.46 -0.65 5.54
N VAL A 235 -26.00 -0.78 4.31
CA VAL A 235 -26.84 -1.27 3.20
C VAL A 235 -26.21 -2.36 2.34
N LEU A 236 -24.89 -2.30 2.12
CA LEU A 236 -24.15 -3.41 1.52
C LEU A 236 -23.00 -3.80 2.43
N GLY A 237 -22.70 -5.10 2.45
CA GLY A 237 -21.64 -5.68 3.25
C GLY A 237 -21.59 -7.20 3.07
N PRO A 238 -20.82 -7.93 3.90
CA PRO A 238 -20.64 -9.37 3.69
C PRO A 238 -21.92 -10.20 3.82
N LYS A 239 -22.86 -9.64 4.53
CA LYS A 239 -24.16 -10.21 4.70
C LYS A 239 -25.09 -9.75 3.55
N TRP A 240 -25.15 -8.46 3.26
CA TRP A 240 -26.03 -7.92 2.19
C TRP A 240 -25.31 -7.55 0.87
N PRO A 241 -25.49 -8.38 -0.21
CA PRO A 241 -25.01 -8.04 -1.56
C PRO A 241 -25.84 -7.09 -2.44
N SER A 242 -27.07 -6.75 -2.03
CA SER A 242 -27.92 -5.76 -2.72
C SER A 242 -29.05 -5.15 -1.88
N HIS A 243 -29.45 -3.94 -2.28
CA HIS A 243 -30.40 -3.15 -1.53
C HIS A 243 -31.24 -2.26 -2.40
N TYR A 244 -32.55 -2.38 -2.25
CA TYR A 244 -33.49 -1.40 -2.80
C TYR A 244 -33.36 -0.05 -2.10
N LEU A 245 -33.03 0.99 -2.84
CA LEU A 245 -32.92 2.33 -2.25
C LEU A 245 -34.27 2.94 -2.22
N MET A 246 -34.59 3.63 -1.14
CA MET A 246 -35.89 4.24 -0.92
C MET A 246 -35.77 5.69 -1.34
N VAL A 247 -36.09 5.96 -2.61
CA VAL A 247 -35.82 7.25 -3.28
C VAL A 247 -37.12 7.97 -3.74
N PRO A 248 -37.13 9.29 -3.67
CA PRO A 248 -38.22 10.09 -4.20
C PRO A 248 -37.95 10.77 -5.55
N GLY A 249 -39.06 11.00 -6.28
CA GLY A 249 -39.04 11.76 -7.51
C GLY A 249 -38.69 13.22 -7.28
N GLY A 250 -38.53 13.95 -8.38
CA GLY A 250 -37.89 15.27 -8.36
C GLY A 250 -36.38 15.13 -8.23
N LYS A 251 -35.74 16.15 -7.67
CA LYS A 251 -34.31 16.16 -7.42
C LYS A 251 -34.01 15.52 -6.07
N HIS A 252 -33.06 14.58 -6.07
CA HIS A 252 -32.54 14.02 -4.84
C HIS A 252 -31.07 13.63 -4.95
N ASN A 253 -30.39 13.75 -3.81
CA ASN A 253 -28.99 13.36 -3.65
C ASN A 253 -28.87 12.45 -2.44
N MET A 254 -28.05 11.44 -2.58
CA MET A 254 -27.93 10.42 -1.57
C MET A 254 -26.46 10.02 -1.45
N ASP A 255 -25.91 10.30 -0.27
CA ASP A 255 -24.49 10.07 -0.01
C ASP A 255 -24.33 8.72 0.61
N PHE A 256 -23.32 7.99 0.15
CA PHE A 256 -22.92 6.74 0.73
C PHE A 256 -21.50 6.85 1.18
N TYR A 257 -21.17 6.07 2.20
CA TYR A 257 -19.81 6.05 2.69
C TYR A 257 -19.39 4.63 2.64
N VAL A 258 -18.17 4.44 2.18
CA VAL A 258 -17.68 3.14 1.83
C VAL A 258 -16.41 2.92 2.60
N GLU A 259 -16.26 1.71 3.14
CA GLU A 259 -15.02 1.20 3.78
C GLU A 259 -14.72 -0.14 3.15
N ALA A 260 -13.43 -0.40 2.93
CA ALA A 260 -12.91 -1.75 2.56
C ALA A 260 -12.52 -2.57 3.77
N LEU A 261 -12.62 -3.90 3.66
CA LEU A 261 -12.30 -4.81 4.77
C LEU A 261 -11.12 -5.74 4.54
N ALA A 262 -10.34 -5.47 3.52
CA ALA A 262 -9.31 -6.40 3.09
C ALA A 262 -8.32 -5.69 2.19
N PHE A 263 -7.03 -5.93 2.39
CA PHE A 263 -5.99 -5.32 1.57
C PHE A 263 -5.88 -6.19 0.36
N PRO A 264 -5.18 -5.71 -0.70
CA PRO A 264 -4.90 -6.63 -1.82
C PRO A 264 -4.08 -7.86 -1.36
N ASP A 265 -4.42 -9.04 -1.87
CA ASP A 265 -3.70 -10.29 -1.54
C ASP A 265 -3.66 -11.30 -2.73
N THR A 266 -3.08 -12.49 -2.53
CA THR A 266 -3.08 -13.52 -3.61
C THR A 266 -4.46 -13.78 -4.22
N ASP A 267 -5.51 -13.71 -3.40
CA ASP A 267 -6.87 -13.95 -3.92
C ASP A 267 -7.71 -12.70 -4.11
N PHE A 268 -7.13 -11.50 -3.94
CA PHE A 268 -7.81 -10.20 -4.12
C PHE A 268 -6.93 -9.17 -4.83
N PRO A 269 -7.06 -9.02 -6.14
CA PRO A 269 -6.37 -7.94 -6.90
C PRO A 269 -6.49 -6.51 -6.34
N GLY A 270 -7.61 -6.26 -5.68
CA GLY A 270 -7.86 -5.04 -4.95
C GLY A 270 -8.87 -4.10 -5.58
N LEU A 271 -9.65 -4.60 -6.55
CA LEU A 271 -10.77 -3.86 -7.14
C LEU A 271 -12.13 -4.16 -6.54
N ILE A 272 -12.90 -3.13 -6.28
CA ILE A 272 -14.28 -3.32 -5.88
C ILE A 272 -15.18 -2.51 -6.81
N THR A 273 -16.16 -3.19 -7.40
CA THR A 273 -17.22 -2.55 -8.19
C THR A 273 -18.55 -2.49 -7.40
N LEU A 274 -19.17 -1.33 -7.41
CA LEU A 274 -20.52 -1.20 -6.93
C LEU A 274 -21.31 -0.77 -8.11
N THR A 275 -22.49 -1.37 -8.27
CA THR A 275 -23.39 -1.08 -9.38
C THR A 275 -24.72 -0.53 -8.86
N ILE A 276 -25.27 0.43 -9.58
CA ILE A 276 -26.65 0.84 -9.44
C ILE A 276 -27.48 0.36 -10.63
N SER A 277 -28.56 -0.38 -10.38
CA SER A 277 -29.54 -0.74 -11.42
C SER A 277 -30.89 0.04 -11.26
N LEU A 278 -31.51 0.38 -12.39
CA LEU A 278 -32.85 0.92 -12.40
C LEU A 278 -33.77 -0.17 -12.94
N LEU A 279 -34.83 -0.50 -12.19
CA LEU A 279 -35.77 -1.58 -12.60
C LEU A 279 -37.11 -1.03 -12.99
N ASP A 280 -37.72 -1.62 -14.01
CA ASP A 280 -39.11 -1.33 -14.35
C ASP A 280 -39.99 -2.28 -13.57
N THR A 281 -40.86 -1.74 -12.75
CA THR A 281 -41.81 -2.53 -11.98
C THR A 281 -43.26 -2.08 -12.31
N SER A 282 -43.51 -1.75 -13.57
CA SER A 282 -44.81 -1.26 -13.97
C SER A 282 -45.87 -2.35 -13.96
N ASN A 283 -45.43 -3.57 -14.25
CA ASN A 283 -46.33 -4.72 -14.35
C ASN A 283 -46.26 -5.59 -13.11
N LEU A 284 -47.42 -5.75 -12.47
CA LEU A 284 -47.53 -6.40 -11.17
C LEU A 284 -47.50 -7.89 -11.32
N GLU A 285 -47.74 -8.36 -12.55
CA GLU A 285 -47.82 -9.78 -12.84
C GLU A 285 -46.47 -10.30 -13.23
N LEU A 286 -45.70 -9.50 -13.97
CA LEU A 286 -44.36 -9.89 -14.42
C LEU A 286 -43.28 -9.46 -13.45
N PRO A 287 -42.11 -10.15 -13.48
CA PRO A 287 -40.89 -9.74 -12.77
C PRO A 287 -40.37 -8.41 -13.26
N GLU A 288 -39.71 -7.68 -12.37
CA GLU A 288 -38.88 -6.54 -12.74
C GLU A 288 -37.87 -6.88 -13.84
N ALA A 289 -37.77 -6.02 -14.85
CA ALA A 289 -36.87 -6.18 -15.98
C ALA A 289 -35.90 -4.99 -15.99
N VAL A 290 -34.59 -5.25 -16.20
CA VAL A 290 -33.58 -4.18 -16.14
C VAL A 290 -33.68 -3.19 -17.29
N VAL A 291 -33.55 -1.91 -16.95
CA VAL A 291 -33.62 -0.75 -17.82
C VAL A 291 -32.30 0.02 -17.89
N PHE A 292 -31.42 -0.16 -16.89
CA PHE A 292 -30.21 0.65 -16.75
C PHE A 292 -29.32 0.11 -15.63
N GLN A 293 -28.00 0.16 -15.85
CA GLN A 293 -27.00 -0.17 -14.82
C GLN A 293 -25.90 0.81 -15.02
N ASP A 294 -25.27 1.19 -13.91
CA ASP A 294 -24.09 1.97 -13.98
C ASP A 294 -23.21 1.60 -12.78
N SER A 295 -21.89 1.84 -12.94
CA SER A 295 -20.89 1.35 -12.00
C SER A 295 -19.80 2.37 -11.68
N VAL A 296 -19.11 2.10 -10.58
CA VAL A 296 -17.96 2.86 -10.15
C VAL A 296 -16.96 1.88 -9.57
N VAL A 297 -15.69 2.13 -9.84
CA VAL A 297 -14.68 1.18 -9.46
C VAL A 297 -13.79 1.80 -8.38
N PHE A 298 -13.65 1.13 -7.24
CA PHE A 298 -12.68 1.55 -6.23
C PHE A 298 -11.46 0.67 -6.34
N ARG A 299 -10.27 1.24 -6.10
CA ARG A 299 -9.11 0.40 -5.84
C ARG A 299 -8.80 0.56 -4.37
N VAL A 300 -8.50 -0.58 -3.74
CA VAL A 300 -8.14 -0.64 -2.33
C VAL A 300 -6.69 -0.25 -2.21
N ALA A 301 -6.42 0.70 -1.29
CA ALA A 301 -5.08 1.28 -1.14
C ALA A 301 -4.12 0.22 -0.61
N PRO A 302 -2.95 0.04 -1.26
CA PRO A 302 -1.96 -0.93 -0.75
C PRO A 302 -1.30 -0.49 0.54
N TRP A 303 -0.59 -1.40 1.17
CA TRP A 303 0.21 -1.07 2.38
C TRP A 303 1.60 -0.77 1.90
N ILE A 304 2.09 0.42 2.22
CA ILE A 304 3.36 0.88 1.70
C ILE A 304 4.30 1.16 2.88
N MET A 305 5.55 0.70 2.74
CA MET A 305 6.62 0.91 3.74
C MET A 305 7.45 2.18 3.47
N THR A 306 8.13 2.70 4.50
CA THR A 306 9.03 3.91 4.41
C THR A 306 10.53 3.68 4.66
N PRO A 307 11.39 3.97 3.67
CA PRO A 307 12.85 3.84 3.87
C PRO A 307 13.48 4.79 4.91
N ASN A 308 14.73 4.55 5.21
CA ASN A 308 15.45 5.28 6.22
C ASN A 308 15.67 6.78 5.85
N THR A 309 15.51 7.10 4.56
CA THR A 309 15.66 8.44 4.09
C THR A 309 14.34 9.19 4.03
N GLN A 310 13.30 8.67 4.69
CA GLN A 310 12.11 9.47 4.93
C GLN A 310 12.27 10.00 6.33
N PRO A 311 12.02 11.31 6.52
CA PRO A 311 12.10 12.00 7.83
C PRO A 311 11.42 11.29 9.01
N PRO A 312 12.21 10.90 10.02
CA PRO A 312 11.65 10.14 11.14
C PRO A 312 10.58 10.91 11.86
N GLN A 313 9.60 10.25 12.43
CA GLN A 313 8.57 10.92 13.26
C GLN A 313 8.45 10.40 14.71
N GLU A 314 8.74 9.11 14.90
CA GLU A 314 8.52 8.47 16.17
C GLU A 314 9.46 7.30 16.27
N VAL A 315 10.09 7.15 17.43
CA VAL A 315 11.06 6.09 17.65
C VAL A 315 10.53 5.15 18.71
N TYR A 316 10.95 3.90 18.66
CA TYR A 316 10.42 2.87 19.52
C TYR A 316 11.56 2.09 20.16
N ALA A 317 11.45 1.76 21.45
CA ALA A 317 12.41 0.88 22.09
C ALA A 317 11.85 0.21 23.35
N CYS A 318 12.69 -0.60 23.99
CA CYS A 318 12.33 -1.36 25.19
C CYS A 318 13.21 -0.99 26.41
N SER A 319 12.56 -0.74 27.55
CA SER A 319 13.29 -0.51 28.77
C SER A 319 13.30 -1.84 29.46
N ILE A 320 14.47 -2.28 29.83
CA ILE A 320 14.61 -3.55 30.50
C ILE A 320 15.65 -3.38 31.58
N PHE A 321 15.95 -4.48 32.25
CA PHE A 321 17.03 -4.48 33.20
C PHE A 321 18.37 -4.16 32.58
N GLU A 322 19.09 -3.29 33.27
CA GLU A 322 20.41 -2.90 32.86
C GLU A 322 20.53 -2.43 31.38
N ASN A 323 19.56 -1.68 30.88
CA ASN A 323 19.68 -1.11 29.52
C ASN A 323 19.62 0.41 29.44
N GLU A 324 19.79 1.06 30.59
CA GLU A 324 19.44 2.49 30.72
C GLU A 324 20.33 3.42 29.88
N ASP A 325 21.62 3.14 29.88
CA ASP A 325 22.59 3.99 29.15
C ASP A 325 22.34 3.95 27.66
N PHE A 326 21.91 2.77 27.21
CA PHE A 326 21.41 2.60 25.85
C PHE A 326 20.31 3.62 25.57
N LEU A 327 19.23 3.59 26.36
CA LEU A 327 18.02 4.42 26.09
C LEU A 327 18.20 5.94 26.18
N LYS A 328 19.17 6.41 26.96
CA LYS A 328 19.48 7.85 27.01
C LYS A 328 20.11 8.29 25.72
N SER A 329 20.98 7.44 25.17
CA SER A 329 21.65 7.73 23.89
C SER A 329 20.61 7.87 22.80
N VAL A 330 19.64 6.95 22.82
CA VAL A 330 18.53 6.98 21.89
C VAL A 330 17.65 8.20 22.12
N THR A 331 17.27 8.43 23.39
CA THR A 331 16.41 9.55 23.77
C THR A 331 16.98 10.89 23.33
N THR A 332 18.31 11.01 23.37
CA THR A 332 19.00 12.24 22.98
C THR A 332 18.99 12.34 21.47
N LEU A 333 19.23 11.20 20.86
CA LEU A 333 19.26 11.09 19.40
C LEU A 333 17.88 11.36 18.79
N ALA A 334 16.84 10.81 19.44
CA ALA A 334 15.43 11.11 19.14
C ALA A 334 15.13 12.61 19.26
N MET A 335 15.49 13.16 20.41
CA MET A 335 15.33 14.59 20.70
C MET A 335 16.04 15.44 19.64
N LYS A 336 17.28 15.10 19.31
CA LYS A 336 18.01 15.83 18.27
C LYS A 336 17.28 15.90 16.94
N ALA A 337 16.52 14.85 16.59
CA ALA A 337 15.76 14.83 15.35
C ALA A 337 14.28 15.16 15.52
N LYS A 338 13.92 15.73 16.68
CA LYS A 338 12.55 16.10 16.96
C LYS A 338 11.54 14.97 16.72
N CYS A 339 11.85 13.80 17.27
CA CYS A 339 10.95 12.65 17.23
C CYS A 339 10.30 12.34 18.56
N LYS A 340 8.97 12.26 18.57
CA LYS A 340 8.24 11.62 19.68
C LYS A 340 8.95 10.31 20.05
N LEU A 341 8.86 9.90 21.31
CA LEU A 341 9.64 8.73 21.75
C LEU A 341 8.81 7.81 22.59
N THR A 342 8.66 6.59 22.11
CA THR A 342 7.79 5.62 22.71
C THR A 342 8.57 4.43 23.21
N ILE A 343 8.36 4.10 24.49
CA ILE A 343 9.06 3.01 25.15
C ILE A 343 8.09 1.97 25.68
N CYS A 344 8.54 0.71 25.64
CA CYS A 344 7.82 -0.40 26.17
C CYS A 344 8.48 -0.85 27.49
N PRO A 345 7.79 -0.64 28.62
CA PRO A 345 8.33 -1.02 29.93
C PRO A 345 8.29 -2.54 30.17
N GLU A 346 9.22 -3.05 30.99
CA GLU A 346 9.43 -4.49 31.17
C GLU A 346 8.17 -5.34 31.42
N GLU A 347 7.16 -4.75 32.07
CA GLU A 347 5.91 -5.44 32.46
C GLU A 347 5.05 -5.79 31.25
N GLU A 348 5.28 -5.08 30.14
CA GLU A 348 4.70 -5.41 28.84
C GLU A 348 5.69 -6.16 27.97
N ASN A 349 6.99 -5.83 28.07
CA ASN A 349 8.10 -6.51 27.33
C ASN A 349 8.03 -8.03 27.39
N MET A 350 8.03 -8.55 28.61
CA MET A 350 8.12 -9.97 28.87
C MET A 350 9.48 -10.51 28.44
N ASP A 351 10.52 -9.70 28.66
CA ASP A 351 11.94 -10.01 28.37
C ASP A 351 12.37 -9.61 26.95
N ASP A 352 11.40 -9.24 26.12
CA ASP A 352 11.63 -9.09 24.70
C ASP A 352 12.14 -7.68 24.35
N GLN A 353 13.41 -7.61 24.00
CA GLN A 353 14.07 -6.30 23.80
C GLN A 353 14.17 -5.90 22.33
N TRP A 354 13.68 -6.75 21.42
CA TRP A 354 13.91 -6.54 19.99
C TRP A 354 12.71 -5.89 19.33
N MET A 355 12.68 -4.55 19.39
CA MET A 355 11.51 -3.77 18.98
C MET A 355 11.37 -3.62 17.46
N GLN A 356 12.48 -3.61 16.74
CA GLN A 356 12.51 -3.81 15.29
C GLN A 356 11.77 -5.05 14.75
N ASP A 357 11.71 -6.13 15.53
CA ASP A 357 11.35 -7.44 15.00
C ASP A 357 9.90 -7.87 14.99
N GLU A 358 9.07 -7.34 15.88
CA GLU A 358 7.66 -7.74 15.90
C GLU A 358 6.92 -6.98 14.82
N MET A 359 7.44 -5.83 14.37
CA MET A 359 6.60 -4.93 13.54
C MET A 359 7.30 -4.01 12.55
N GLU A 360 6.47 -3.43 11.68
CA GLU A 360 6.92 -2.50 10.67
C GLU A 360 5.80 -1.53 10.39
N ILE A 361 6.15 -0.25 10.40
CA ILE A 361 5.19 0.84 10.36
C ILE A 361 5.11 1.40 8.98
N GLY A 362 4.13 0.93 8.23
CA GLY A 362 3.86 1.44 6.90
C GLY A 362 2.76 2.46 6.98
N TYR A 363 2.20 2.81 5.82
CA TYR A 363 1.05 3.69 5.77
C TYR A 363 0.13 3.30 4.62
N ILE A 364 -1.03 3.96 4.59
CA ILE A 364 -2.01 3.86 3.53
C ILE A 364 -2.48 5.26 3.23
N GLN A 365 -2.88 5.49 2.00
CA GLN A 365 -3.00 6.85 1.49
C GLN A 365 -4.11 6.98 0.46
N ALA A 366 -4.99 7.94 0.68
CA ALA A 366 -6.09 8.25 -0.21
C ALA A 366 -6.10 9.78 -0.38
N PRO A 367 -6.70 10.29 -1.45
CA PRO A 367 -6.87 11.75 -1.60
C PRO A 367 -7.41 12.51 -0.39
N HIS A 368 -8.31 11.84 0.37
CA HIS A 368 -9.06 12.41 1.51
C HIS A 368 -8.51 12.07 2.92
N LYS A 369 -7.48 11.23 2.99
CA LYS A 369 -6.95 10.76 4.29
C LYS A 369 -5.76 9.90 4.02
N THR A 370 -4.73 10.07 4.85
CA THR A 370 -3.55 9.18 4.89
C THR A 370 -3.41 8.80 6.35
N LEU A 371 -3.06 7.56 6.66
CA LEU A 371 -2.72 7.20 8.04
C LEU A 371 -1.74 6.06 8.11
N PRO A 372 -0.88 6.05 9.13
CA PRO A 372 0.13 4.99 9.23
C PRO A 372 -0.51 3.69 9.68
N VAL A 373 0.11 2.56 9.36
CA VAL A 373 -0.46 1.23 9.61
C VAL A 373 0.63 0.20 9.90
N VAL A 374 0.40 -0.54 10.97
CA VAL A 374 1.39 -1.37 11.55
C VAL A 374 1.26 -2.71 10.91
N PHE A 375 2.34 -3.13 10.24
CA PHE A 375 2.42 -4.53 9.90
C PHE A 375 2.99 -5.29 11.09
N ASP A 376 2.09 -5.99 11.79
CA ASP A 376 2.40 -6.80 12.93
C ASP A 376 2.86 -8.15 12.39
N SER A 377 4.06 -8.55 12.82
CA SER A 377 4.71 -9.77 12.40
C SER A 377 4.18 -10.91 13.19
N PRO A 378 3.91 -12.03 12.53
CA PRO A 378 3.50 -13.22 13.24
C PRO A 378 4.55 -13.88 14.17
N ARG A 379 5.77 -13.33 14.27
CA ARG A 379 6.83 -13.89 15.13
C ARG A 379 6.30 -14.17 16.55
N ASN A 380 5.35 -13.35 17.03
CA ASN A 380 4.60 -13.58 18.28
C ASN A 380 5.39 -13.97 19.57
N ARG A 381 6.41 -13.18 19.87
CA ARG A 381 7.21 -13.37 21.07
C ARG A 381 6.67 -12.53 22.20
N GLY A 382 7.49 -12.29 23.23
CA GLY A 382 7.10 -11.38 24.28
C GLY A 382 6.39 -10.08 23.88
N LEU A 383 6.80 -9.49 22.74
CA LEU A 383 6.23 -8.21 22.29
C LEU A 383 4.90 -8.36 21.58
N LYS A 384 4.37 -9.59 21.58
CA LYS A 384 3.09 -9.94 20.95
C LYS A 384 2.01 -8.87 20.99
N GLU A 385 1.85 -8.18 22.12
CA GLU A 385 0.71 -7.28 22.28
C GLU A 385 1.00 -5.83 21.92
N PHE A 386 2.28 -5.47 21.69
CA PHE A 386 2.62 -4.05 21.53
C PHE A 386 1.87 -3.45 20.36
N PRO A 387 1.85 -4.14 19.21
CA PRO A 387 1.08 -3.64 18.07
C PRO A 387 -0.45 -3.57 18.32
N ILE A 388 -1.03 -4.59 18.95
CA ILE A 388 -2.47 -4.59 19.28
C ILE A 388 -2.83 -3.50 20.32
N LYS A 389 -2.22 -3.57 21.49
CA LYS A 389 -2.59 -2.71 22.61
C LYS A 389 -2.25 -1.21 22.47
N ARG A 390 -1.02 -0.90 22.07
CA ARG A 390 -0.50 0.45 22.22
C ARG A 390 0.02 1.16 20.98
N VAL A 391 -0.04 0.51 19.82
CA VAL A 391 0.33 1.18 18.57
C VAL A 391 -0.94 1.47 17.75
N MET A 392 -1.63 0.39 17.40
CA MET A 392 -2.94 0.45 16.78
C MET A 392 -3.87 1.41 17.53
N GLY A 393 -4.49 2.35 16.84
CA GLY A 393 -5.35 3.29 17.51
C GLY A 393 -6.14 4.24 16.64
N PRO A 394 -6.52 5.40 17.21
CA PRO A 394 -7.18 6.37 16.35
C PRO A 394 -6.16 6.90 15.33
N ASP A 395 -6.45 6.75 14.04
CA ASP A 395 -5.54 7.17 12.97
C ASP A 395 -4.20 6.42 12.97
N PHE A 396 -4.24 5.21 13.48
CA PHE A 396 -3.15 4.31 13.33
C PHE A 396 -3.79 2.94 13.03
N GLY A 397 -3.53 2.41 11.84
CA GLY A 397 -4.05 1.12 11.39
C GLY A 397 -3.28 -0.11 11.89
N TYR A 398 -3.85 -1.27 11.58
CA TYR A 398 -3.29 -2.56 11.90
C TYR A 398 -3.55 -3.52 10.74
N VAL A 399 -2.55 -4.35 10.43
CA VAL A 399 -2.71 -5.48 9.53
C VAL A 399 -1.78 -6.52 10.09
N THR A 400 -2.10 -7.80 9.85
CA THR A 400 -1.22 -9.00 10.12
C THR A 400 -1.42 -10.16 9.11
N ARG A 401 -0.36 -10.96 8.93
CA ARG A 401 -0.37 -12.14 8.03
C ARG A 401 0.43 -13.34 8.55
N GLY A 402 0.11 -14.52 8.03
CA GLY A 402 0.78 -15.75 8.43
C GLY A 402 0.20 -16.41 9.67
N PRO A 403 0.74 -17.58 10.04
CA PRO A 403 0.25 -18.38 11.14
C PRO A 403 0.61 -17.81 12.49
N GLN A 404 -0.43 -17.50 13.26
CA GLN A 404 -0.28 -16.94 14.61
C GLN A 404 0.21 -17.89 15.71
N THR A 405 -0.10 -19.18 15.60
CA THR A 405 0.40 -20.18 16.53
C THR A 405 1.37 -21.00 15.73
N GLY A 406 2.66 -20.90 16.05
CA GLY A 406 3.67 -21.73 15.43
C GLY A 406 3.92 -21.47 13.96
N GLY A 407 4.71 -22.37 13.38
CA GLY A 407 4.90 -22.48 11.94
C GLY A 407 5.77 -21.46 11.23
N ILE A 408 6.63 -20.73 11.97
CA ILE A 408 7.40 -19.59 11.40
C ILE A 408 8.90 -19.69 11.72
N SER A 409 9.70 -18.69 11.35
CA SER A 409 11.15 -18.76 11.53
C SER A 409 11.72 -17.37 11.63
N GLY A 410 13.02 -17.29 11.78
CA GLY A 410 13.70 -16.04 11.99
C GLY A 410 13.48 -15.08 10.84
N LEU A 411 13.34 -15.61 9.64
CA LEU A 411 13.20 -14.73 8.49
C LEU A 411 11.84 -14.00 8.47
N ASP A 412 10.93 -14.44 9.35
CA ASP A 412 9.61 -13.83 9.53
C ASP A 412 9.66 -12.57 10.35
N SER A 413 10.72 -12.40 11.12
CA SER A 413 10.92 -11.16 11.85
C SER A 413 11.23 -10.00 10.91
N PHE A 414 10.88 -8.79 11.29
CA PHE A 414 10.94 -7.63 10.38
C PHE A 414 12.21 -6.83 10.47
N GLY A 415 13.18 -7.37 11.20
CA GLY A 415 14.55 -7.06 10.93
C GLY A 415 14.92 -7.56 9.53
N ASN A 416 14.17 -8.54 9.02
CA ASN A 416 14.36 -9.04 7.68
C ASN A 416 13.47 -8.40 6.62
N LEU A 417 12.89 -7.24 6.91
CA LEU A 417 12.02 -6.56 5.97
C LEU A 417 12.41 -5.08 5.92
N GLU A 418 12.93 -4.64 4.78
CA GLU A 418 13.38 -3.25 4.62
C GLU A 418 12.81 -2.72 3.30
N VAL A 419 12.96 -1.43 3.03
CA VAL A 419 12.65 -0.87 1.70
C VAL A 419 13.78 -0.03 1.19
N SER A 420 14.10 -0.13 -0.09
CA SER A 420 14.99 0.84 -0.71
C SER A 420 14.33 2.23 -0.80
N PRO A 421 15.14 3.26 -1.04
CA PRO A 421 14.52 4.57 -1.36
C PRO A 421 14.20 4.62 -2.88
N PRO A 422 13.48 5.66 -3.33
CA PRO A 422 13.10 5.62 -4.75
C PRO A 422 14.27 5.35 -5.73
N VAL A 423 14.08 4.48 -6.70
CA VAL A 423 15.06 4.30 -7.76
C VAL A 423 14.38 4.21 -9.12
N THR A 424 15.21 4.24 -10.16
CA THR A 424 14.80 4.02 -11.53
C THR A 424 15.73 2.95 -12.09
N VAL A 425 15.16 1.86 -12.60
CA VAL A 425 15.96 0.72 -13.04
C VAL A 425 15.77 0.57 -14.55
N ARG A 426 16.85 0.83 -15.29
CA ARG A 426 16.82 0.90 -16.74
C ARG A 426 15.55 1.60 -17.25
N GLY A 427 15.32 2.82 -16.80
CA GLY A 427 14.16 3.58 -17.23
C GLY A 427 12.89 3.34 -16.43
N LYS A 428 12.68 2.12 -15.92
CA LYS A 428 11.49 1.77 -15.11
C LYS A 428 11.53 2.36 -13.70
N GLU A 429 10.60 3.26 -13.41
CA GLU A 429 10.53 3.97 -12.13
C GLU A 429 9.95 3.15 -10.97
N TYR A 430 10.58 3.31 -9.81
CA TYR A 430 10.07 2.81 -8.54
C TYR A 430 10.06 3.95 -7.57
N PRO A 431 9.10 4.89 -7.73
CA PRO A 431 8.98 6.16 -6.97
C PRO A 431 8.75 6.04 -5.47
N LEU A 432 8.47 4.83 -4.98
CA LEU A 432 8.44 4.54 -3.54
C LEU A 432 9.47 3.49 -3.10
N GLY A 433 10.47 3.24 -3.92
CA GLY A 433 11.41 2.17 -3.68
C GLY A 433 10.95 0.74 -3.95
N ARG A 434 11.77 -0.16 -3.49
CA ARG A 434 11.53 -1.57 -3.68
C ARG A 434 11.82 -2.26 -2.37
N ILE A 435 10.80 -2.91 -1.84
CA ILE A 435 10.94 -3.73 -0.65
C ILE A 435 12.04 -4.77 -0.85
N LEU A 436 12.78 -4.98 0.22
CA LEU A 436 13.91 -5.84 0.23
C LEU A 436 13.70 -6.82 1.39
N PHE A 437 13.88 -8.11 1.10
CA PHE A 437 13.78 -9.12 2.14
C PHE A 437 14.67 -10.37 1.94
N GLY A 438 15.12 -10.93 3.05
CA GLY A 438 16.09 -12.02 3.03
C GLY A 438 15.51 -13.39 2.74
N ASP A 439 16.26 -14.22 2.02
CA ASP A 439 15.90 -15.59 1.64
C ASP A 439 17.19 -16.40 1.60
N SER A 440 17.08 -17.70 1.34
CA SER A 440 18.24 -18.55 1.08
C SER A 440 18.45 -18.51 -0.42
N CYS A 441 19.53 -19.08 -0.94
CA CYS A 441 19.73 -19.08 -2.41
C CYS A 441 18.91 -20.18 -3.12
N TYR A 442 18.60 -21.28 -2.43
CA TYR A 442 17.72 -22.33 -2.94
C TYR A 442 17.12 -23.14 -1.79
N PRO A 443 15.98 -23.81 -2.01
CA PRO A 443 15.40 -24.54 -0.88
C PRO A 443 16.05 -25.92 -0.67
N SER A 444 16.48 -26.17 0.57
CA SER A 444 16.90 -27.50 1.03
C SER A 444 16.24 -27.71 2.39
N ASN A 445 16.57 -28.78 3.11
CA ASN A 445 15.96 -29.00 4.43
C ASN A 445 16.58 -28.17 5.48
N ASP A 446 17.78 -27.68 5.20
CA ASP A 446 18.48 -26.82 6.14
C ASP A 446 18.11 -25.31 5.95
N SER A 447 17.55 -24.93 4.80
CA SER A 447 17.28 -23.52 4.51
C SER A 447 16.06 -22.97 5.25
N ARG A 448 15.98 -21.65 5.28
CA ARG A 448 14.83 -20.95 5.81
C ARG A 448 14.35 -19.99 4.75
N GLN A 449 13.11 -19.55 4.92
CA GLN A 449 12.51 -18.49 4.15
C GLN A 449 11.51 -17.81 5.03
N MET A 450 11.10 -16.62 4.56
CA MET A 450 9.98 -15.86 5.12
C MET A 450 8.72 -16.56 4.62
N HIS A 451 7.77 -16.72 5.50
CA HIS A 451 6.54 -17.45 5.23
C HIS A 451 5.96 -17.02 3.89
N GLN A 452 5.32 -17.94 3.18
CA GLN A 452 4.80 -17.63 1.86
C GLN A 452 3.64 -16.64 1.89
N ALA A 453 2.93 -16.60 3.02
CA ALA A 453 1.78 -15.75 3.16
C ALA A 453 2.20 -14.32 3.24
N LEU A 454 3.41 -14.07 3.75
CA LEU A 454 3.94 -12.72 3.82
C LEU A 454 4.47 -12.32 2.46
N GLN A 455 5.19 -13.22 1.80
CA GLN A 455 5.80 -12.89 0.51
C GLN A 455 4.69 -12.53 -0.44
N ASP A 456 3.59 -13.26 -0.31
CA ASP A 456 2.44 -13.08 -1.17
C ASP A 456 1.77 -11.73 -0.94
N PHE A 457 1.55 -11.41 0.34
CA PHE A 457 1.00 -10.10 0.75
C PHE A 457 1.82 -8.88 0.21
N LEU A 458 3.13 -8.99 0.29
CA LEU A 458 4.01 -7.89 -0.04
C LEU A 458 4.01 -7.68 -1.52
N SER A 459 3.92 -8.77 -2.28
CA SER A 459 3.84 -8.69 -3.74
C SER A 459 2.47 -8.20 -4.18
N ALA A 460 1.43 -8.55 -3.45
CA ALA A 460 0.08 -8.09 -3.78
C ALA A 460 -0.08 -6.57 -3.61
N GLN A 461 0.76 -5.92 -2.82
CA GLN A 461 0.71 -4.48 -2.69
C GLN A 461 1.29 -3.84 -3.92
N GLN A 462 2.04 -4.62 -4.73
CA GLN A 462 2.59 -4.24 -6.04
C GLN A 462 3.61 -3.09 -6.08
N VAL A 463 3.27 -1.94 -5.45
CA VAL A 463 3.96 -0.65 -5.70
C VAL A 463 5.37 -0.56 -5.14
N GLN A 464 5.73 -1.46 -4.27
CA GLN A 464 7.13 -1.55 -3.86
C GLN A 464 7.81 -2.84 -4.34
N ALA A 465 7.24 -3.51 -5.34
CA ALA A 465 7.89 -4.62 -6.06
C ALA A 465 9.00 -5.32 -5.27
N PRO A 466 8.63 -6.17 -4.30
CA PRO A 466 9.61 -6.86 -3.47
C PRO A 466 10.76 -7.46 -4.26
N VAL A 467 11.97 -7.45 -3.67
CA VAL A 467 13.18 -8.14 -4.18
C VAL A 467 13.75 -9.03 -3.10
N LYS A 468 13.81 -10.32 -3.34
CA LYS A 468 14.38 -11.23 -2.39
C LYS A 468 15.91 -11.15 -2.38
N LEU A 469 16.48 -11.15 -1.18
CA LEU A 469 17.90 -11.19 -0.99
C LEU A 469 18.32 -12.48 -0.28
N TYR A 470 19.62 -12.73 -0.30
CA TYR A 470 20.24 -13.87 0.35
C TYR A 470 20.78 -13.50 1.75
N SER A 471 19.99 -13.74 2.80
CA SER A 471 20.42 -13.45 4.17
C SER A 471 20.55 -14.68 5.03
N ASP A 472 20.27 -15.85 4.48
CA ASP A 472 20.10 -17.09 5.26
C ASP A 472 21.38 -17.49 5.87
N TRP A 473 22.49 -17.23 5.16
CA TRP A 473 23.85 -17.42 5.70
C TRP A 473 24.14 -16.83 7.08
N LEU A 474 23.33 -15.92 7.58
CA LEU A 474 23.55 -15.35 8.92
C LEU A 474 22.91 -16.27 9.96
N SER A 475 23.39 -16.24 11.21
CA SER A 475 22.69 -16.93 12.28
C SER A 475 21.24 -16.50 12.38
N VAL A 476 21.01 -15.22 12.53
CA VAL A 476 19.65 -14.70 12.68
C VAL A 476 18.98 -14.52 11.31
N GLY A 477 19.78 -14.17 10.32
CA GLY A 477 19.31 -14.18 8.94
C GLY A 477 18.49 -12.97 8.54
N HIS A 478 18.86 -11.80 9.00
CA HIS A 478 18.08 -10.62 8.64
C HIS A 478 18.89 -9.68 7.78
N VAL A 479 18.32 -9.16 6.69
CA VAL A 479 19.04 -8.14 5.90
C VAL A 479 19.43 -6.89 6.67
N ASP A 480 18.83 -6.59 7.84
CA ASP A 480 19.36 -5.45 8.62
C ASP A 480 20.83 -5.69 9.08
N GLU A 481 21.24 -6.94 9.11
CA GLU A 481 22.58 -7.35 9.50
C GLU A 481 23.74 -7.16 8.45
N PHE A 482 23.45 -6.74 7.23
CA PHE A 482 24.53 -6.29 6.31
C PHE A 482 24.22 -5.11 5.42
N LEU A 483 22.99 -4.60 5.47
CA LEU A 483 22.71 -3.42 4.72
C LEU A 483 22.01 -2.37 5.53
N SER A 484 22.35 -1.13 5.21
CA SER A 484 21.55 0.03 5.57
C SER A 484 21.57 1.01 4.42
N PHE A 485 20.67 1.98 4.46
CA PHE A 485 20.69 3.15 3.57
C PHE A 485 20.71 4.35 4.47
N VAL A 486 21.29 5.46 3.99
CA VAL A 486 21.34 6.76 4.73
C VAL A 486 21.19 7.91 3.72
N PRO A 487 20.52 9.04 4.11
CA PRO A 487 20.38 10.19 3.20
C PRO A 487 21.72 10.72 2.72
N ALA A 488 21.73 11.35 1.55
CA ALA A 488 22.94 11.92 0.94
C ALA A 488 22.61 13.21 0.24
N PRO A 489 23.48 14.24 0.39
CA PRO A 489 23.05 15.50 -0.20
C PRO A 489 23.14 15.51 -1.72
N ASP A 490 23.81 14.53 -2.34
CA ASP A 490 24.08 14.57 -3.78
C ASP A 490 23.76 13.20 -4.43
N ARG A 491 24.25 12.98 -5.66
N ARG A 491 24.23 13.00 -5.66
CA ARG A 491 23.94 11.77 -6.43
CA ARG A 491 23.92 11.80 -6.45
C ARG A 491 22.41 11.56 -6.44
C ARG A 491 22.40 11.57 -6.45
N LYS A 492 21.93 10.42 -5.93
CA LYS A 492 20.50 10.09 -5.94
C LYS A 492 19.89 10.35 -4.57
N GLY A 493 20.63 10.99 -3.68
CA GLY A 493 20.11 11.30 -2.36
C GLY A 493 20.19 10.20 -1.32
N PHE A 494 20.96 9.17 -1.59
CA PHE A 494 21.31 8.20 -0.58
C PHE A 494 22.63 7.59 -0.92
N ARG A 495 23.19 6.90 0.06
CA ARG A 495 24.18 5.89 -0.25
C ARG A 495 23.73 4.61 0.38
N LEU A 496 24.04 3.49 -0.23
CA LEU A 496 23.83 2.20 0.39
C LEU A 496 25.03 1.85 1.30
N LEU A 497 24.77 1.37 2.51
CA LEU A 497 25.82 0.82 3.37
C LEU A 497 25.92 -0.72 3.42
N LEU A 498 27.10 -1.26 3.16
CA LEU A 498 27.30 -2.69 3.26
C LEU A 498 28.40 -3.01 4.23
N ALA A 499 28.13 -3.93 5.15
CA ALA A 499 29.18 -4.60 5.95
C ALA A 499 30.28 -5.14 5.05
N SER A 500 31.53 -5.02 5.46
CA SER A 500 32.65 -5.36 4.54
C SER A 500 33.91 -5.76 5.28
N PRO A 501 34.15 -7.06 5.43
CA PRO A 501 35.39 -7.50 6.07
C PRO A 501 36.62 -6.94 5.38
N ARG A 502 36.65 -7.10 4.07
CA ARG A 502 37.73 -6.55 3.24
C ARG A 502 38.23 -5.19 3.71
N SER A 503 37.26 -4.30 3.96
CA SER A 503 37.49 -2.93 4.44
C SER A 503 38.22 -2.91 5.78
N CYS A 504 37.87 -3.86 6.66
CA CYS A 504 38.45 -3.97 8.00
C CYS A 504 39.86 -4.59 7.98
N TYR A 505 40.00 -5.64 7.18
CA TYR A 505 41.33 -6.24 6.99
C TYR A 505 42.33 -5.19 6.48
N LYS A 506 41.86 -4.33 5.58
CA LYS A 506 42.64 -3.20 5.08
C LYS A 506 42.98 -2.20 6.18
N LEU A 507 41.93 -1.73 6.85
CA LEU A 507 42.10 -0.81 7.95
C LEU A 507 43.14 -1.32 8.95
N PHE A 508 42.95 -2.52 9.50
CA PHE A 508 43.93 -3.14 10.42
C PHE A 508 45.33 -3.41 9.81
N GLN A 509 45.37 -3.64 8.51
CA GLN A 509 46.66 -3.78 7.85
C GLN A 509 47.32 -2.41 7.79
N GLU A 510 46.57 -1.37 7.47
CA GLU A 510 47.15 -0.04 7.44
C GLU A 510 47.77 0.38 8.79
N GLN A 511 47.21 -0.09 9.90
CA GLN A 511 47.73 0.24 11.22
C GLN A 511 48.98 -0.59 11.42
N GLN A 512 48.84 -1.90 11.39
CA GLN A 512 50.00 -2.76 11.59
C GLN A 512 51.20 -2.14 10.87
N ASN A 513 51.02 -1.76 9.60
CA ASN A 513 52.06 -1.05 8.82
C ASN A 513 52.66 0.18 9.50
N GLU A 514 51.82 1.07 10.03
CA GLU A 514 52.29 2.29 10.67
C GLU A 514 52.59 2.17 12.18
N GLY A 515 52.71 0.95 12.70
CA GLY A 515 53.25 0.72 14.03
C GLY A 515 52.29 0.46 15.18
N HIS A 516 51.09 0.03 14.86
CA HIS A 516 50.10 -0.20 15.90
C HIS A 516 49.63 -1.64 15.80
N GLY A 517 50.56 -2.54 15.46
CA GLY A 517 50.27 -3.95 15.36
C GLY A 517 49.89 -4.51 16.72
N GLU A 518 50.32 -3.85 17.80
CA GLU A 518 49.95 -4.29 19.14
C GLU A 518 48.59 -3.77 19.59
N ALA A 519 47.97 -2.85 18.87
CA ALA A 519 46.78 -2.20 19.38
C ALA A 519 45.60 -3.17 19.62
N LEU A 520 44.92 -2.97 20.74
CA LEU A 520 43.94 -3.91 21.27
C LEU A 520 42.48 -3.63 20.88
N LEU A 521 41.88 -4.59 20.20
CA LEU A 521 40.47 -4.58 19.91
C LEU A 521 39.79 -4.98 21.20
N PHE A 522 38.72 -4.29 21.55
CA PHE A 522 37.98 -4.53 22.80
C PHE A 522 38.55 -3.75 24.00
N GLU A 523 39.42 -2.78 23.74
CA GLU A 523 39.86 -1.86 24.81
C GLU A 523 38.62 -1.09 25.25
N GLY A 524 38.43 -1.00 26.55
CA GLY A 524 37.18 -0.51 27.11
C GLY A 524 36.39 -1.60 27.77
N ILE A 525 36.48 -2.84 27.29
CA ILE A 525 35.81 -3.96 27.96
C ILE A 525 36.76 -4.79 28.78
N LYS A 526 36.84 -4.53 30.08
CA LYS A 526 37.30 -5.58 30.99
C LYS A 526 36.12 -6.56 31.14
N LYS A 527 36.45 -7.78 31.55
CA LYS A 527 35.59 -8.97 31.41
C LYS A 527 35.45 -9.46 29.96
N LYS A 528 36.42 -9.13 29.09
CA LYS A 528 36.60 -9.78 27.79
C LYS A 528 38.06 -9.76 27.32
N LYS A 529 38.48 -10.85 26.67
CA LYS A 529 39.86 -11.01 26.22
C LYS A 529 40.18 -10.19 24.99
N GLN A 530 41.00 -9.15 25.19
CA GLN A 530 41.47 -8.29 24.11
C GLN A 530 42.36 -9.05 23.14
N GLN A 531 42.27 -8.68 21.86
CA GLN A 531 43.10 -9.29 20.83
C GLN A 531 43.81 -8.20 20.08
N LYS A 532 45.09 -8.41 19.83
CA LYS A 532 45.90 -7.40 19.15
C LYS A 532 45.69 -7.53 17.67
N ILE A 533 45.87 -6.40 16.97
CA ILE A 533 45.77 -6.37 15.51
C ILE A 533 46.66 -7.41 14.85
N LYS A 534 47.90 -7.54 15.33
CA LYS A 534 48.83 -8.49 14.73
C LYS A 534 48.28 -9.92 14.76
N ASN A 535 47.67 -10.29 15.89
CA ASN A 535 47.14 -11.66 16.06
C ASN A 535 45.97 -11.91 15.16
N ILE A 536 45.00 -10.97 15.19
CA ILE A 536 43.82 -10.98 14.31
C ILE A 536 44.20 -11.19 12.84
N LEU A 537 45.01 -10.28 12.29
CA LEU A 537 45.44 -10.37 10.87
C LEU A 537 46.02 -11.76 10.49
N SER A 538 46.87 -12.33 11.34
CA SER A 538 47.51 -13.62 11.09
C SER A 538 46.67 -14.85 11.50
N ASN A 539 45.40 -14.64 11.83
CA ASN A 539 44.53 -15.77 12.16
C ASN A 539 43.89 -16.32 10.88
N LYS A 540 44.38 -17.49 10.47
CA LYS A 540 43.98 -18.10 9.20
C LYS A 540 42.49 -18.46 9.16
N THR A 541 41.95 -19.01 10.24
CA THR A 541 40.55 -19.47 10.32
C THR A 541 39.57 -18.33 10.23
N LEU A 542 39.88 -17.29 10.99
CA LEU A 542 39.11 -16.05 10.92
C LEU A 542 39.09 -15.49 9.50
N ARG A 543 40.23 -15.44 8.85
CA ARG A 543 40.30 -14.96 7.48
C ARG A 543 39.40 -15.79 6.54
N GLU A 544 39.38 -17.09 6.78
CA GLU A 544 38.59 -18.00 5.98
C GLU A 544 37.09 -17.69 6.14
N HIS A 545 36.62 -17.73 7.38
CA HIS A 545 35.29 -17.27 7.70
C HIS A 545 34.91 -15.96 6.97
N ASN A 546 35.73 -14.94 7.10
CA ASN A 546 35.37 -13.65 6.53
C ASN A 546 35.47 -13.59 4.99
N SER A 547 36.37 -14.36 4.39
CA SER A 547 36.33 -14.58 2.95
C SER A 547 34.96 -15.05 2.51
N PHE A 548 34.41 -15.98 3.26
CA PHE A 548 33.19 -16.66 2.86
C PHE A 548 32.01 -15.74 3.05
N VAL A 549 32.04 -15.01 4.15
CA VAL A 549 31.06 -13.97 4.35
C VAL A 549 31.12 -12.90 3.23
N GLU A 550 32.33 -12.49 2.85
CA GLU A 550 32.51 -11.64 1.66
C GLU A 550 31.82 -12.17 0.40
N ARG A 551 31.84 -13.48 0.22
CA ARG A 551 31.18 -14.02 -0.94
C ARG A 551 29.67 -13.82 -0.87
N CYS A 552 29.10 -14.06 0.32
CA CYS A 552 27.64 -14.02 0.53
C CYS A 552 27.16 -12.63 0.37
N ILE A 553 27.95 -11.74 0.94
CA ILE A 553 27.73 -10.34 0.80
C ILE A 553 27.88 -9.86 -0.66
N ASP A 554 29.05 -9.98 -1.26
CA ASP A 554 29.21 -9.59 -2.68
C ASP A 554 28.05 -10.03 -3.59
N TRP A 555 27.62 -11.27 -3.44
CA TRP A 555 26.46 -11.82 -4.17
C TRP A 555 25.17 -10.89 -4.06
N ASN A 556 24.95 -10.30 -2.89
CA ASN A 556 23.87 -9.32 -2.71
C ASN A 556 24.19 -7.94 -3.30
N ARG A 557 25.46 -7.57 -3.34
CA ARG A 557 25.93 -6.32 -3.89
C ARG A 557 25.54 -6.32 -5.34
N GLU A 558 25.88 -7.40 -6.04
CA GLU A 558 25.52 -7.50 -7.45
C GLU A 558 24.02 -7.61 -7.61
N LEU A 559 23.40 -8.35 -6.71
CA LEU A 559 21.96 -8.49 -6.73
C LEU A 559 21.24 -7.13 -6.59
N LEU A 560 21.69 -6.37 -5.62
CA LEU A 560 21.16 -5.06 -5.34
C LEU A 560 21.56 -4.08 -6.40
N LYS A 561 22.74 -4.26 -6.99
CA LYS A 561 23.15 -3.42 -8.13
C LYS A 561 22.16 -3.62 -9.30
N ARG A 562 21.80 -4.85 -9.58
CA ARG A 562 20.89 -5.12 -10.69
C ARG A 562 19.44 -4.60 -10.42
N GLU A 563 18.83 -5.07 -9.34
CA GLU A 563 17.40 -4.83 -9.10
C GLU A 563 17.08 -3.40 -8.61
N LEU A 564 18.08 -2.67 -8.10
CA LEU A 564 17.91 -1.26 -7.71
C LEU A 564 18.64 -0.28 -8.65
N GLY A 565 19.34 -0.80 -9.66
CA GLY A 565 20.09 0.01 -10.62
C GLY A 565 21.16 0.91 -10.00
N LEU A 566 22.00 0.34 -9.14
CA LEU A 566 22.98 1.13 -8.44
C LEU A 566 24.32 1.00 -9.17
N ALA A 567 25.15 2.02 -8.96
CA ALA A 567 26.54 2.01 -9.39
C ALA A 567 27.47 2.01 -8.15
N GLU A 568 28.72 1.58 -8.32
CA GLU A 568 29.64 1.52 -7.17
C GLU A 568 29.66 2.84 -6.40
N SER A 569 29.58 3.97 -7.12
CA SER A 569 29.55 5.29 -6.48
C SER A 569 28.35 5.53 -5.59
N ASP A 570 27.29 4.74 -5.75
CA ASP A 570 26.14 4.78 -4.81
C ASP A 570 26.33 3.95 -3.54
N ILE A 571 27.41 3.17 -3.49
CA ILE A 571 27.66 2.27 -2.41
C ILE A 571 28.84 2.72 -1.57
N ILE A 572 28.79 2.36 -0.30
CA ILE A 572 29.84 2.60 0.68
C ILE A 572 30.02 1.39 1.56
N ASP A 573 31.27 0.99 1.77
CA ASP A 573 31.63 -0.12 2.65
C ASP A 573 32.08 0.27 4.05
N ILE A 574 31.61 -0.51 4.99
CA ILE A 574 31.82 -0.28 6.39
C ILE A 574 32.74 -1.38 6.82
N PRO A 575 33.77 -1.06 7.62
CA PRO A 575 34.63 -2.17 7.96
C PRO A 575 33.87 -2.99 8.98
N GLN A 576 33.76 -4.30 8.79
CA GLN A 576 32.99 -5.13 9.71
C GLN A 576 33.47 -6.53 9.66
N LEU A 577 33.66 -7.14 10.82
CA LEU A 577 34.19 -8.49 10.86
C LEU A 577 33.14 -9.40 11.40
N PHE A 578 33.01 -10.58 10.81
CA PHE A 578 32.09 -11.60 11.29
C PHE A 578 32.88 -12.81 11.71
N LYS A 579 32.17 -13.83 12.21
CA LYS A 579 32.75 -15.16 12.45
C LYS A 579 31.63 -16.18 12.30
N LEU A 580 31.91 -17.36 11.78
CA LEU A 580 30.91 -18.41 11.69
C LEU A 580 30.89 -19.24 12.95
N LYS A 581 29.73 -19.75 13.31
CA LYS A 581 29.52 -20.39 14.61
C LYS A 581 28.73 -21.69 14.45
N GLU A 582 27.61 -21.83 15.17
CA GLU A 582 26.82 -23.07 15.16
C GLU A 582 26.19 -23.24 13.80
N PHE A 583 26.46 -24.39 13.18
CA PHE A 583 26.03 -24.69 11.79
C PHE A 583 26.68 -23.77 10.78
N SER A 584 27.95 -23.44 10.99
CA SER A 584 28.67 -22.54 10.11
C SER A 584 27.86 -21.28 9.68
N LYS A 585 26.95 -20.81 10.53
CA LYS A 585 26.18 -19.60 10.29
C LYS A 585 26.91 -18.39 10.85
N ALA A 586 26.79 -17.26 10.16
CA ALA A 586 27.62 -16.09 10.39
C ALA A 586 27.09 -15.18 11.47
N GLU A 587 28.00 -14.76 12.37
CA GLU A 587 27.72 -13.79 13.44
C GLU A 587 28.70 -12.62 13.36
N ALA A 588 28.40 -11.58 14.12
CA ALA A 588 29.31 -10.40 14.22
C ALA A 588 30.47 -10.65 15.22
N PHE A 589 31.68 -10.30 14.78
CA PHE A 589 32.86 -10.44 15.59
C PHE A 589 32.87 -9.37 16.68
N PHE A 590 32.71 -8.12 16.25
CA PHE A 590 32.49 -6.96 17.13
C PHE A 590 31.19 -6.29 16.73
N PRO A 591 30.65 -5.40 17.55
CA PRO A 591 29.36 -4.83 17.18
C PRO A 591 29.20 -4.36 15.75
N ASN A 592 28.04 -4.71 15.20
CA ASN A 592 27.74 -4.65 13.80
C ASN A 592 27.27 -3.25 13.43
N MET A 593 28.21 -2.41 13.04
CA MET A 593 27.92 -0.96 12.88
C MET A 593 26.83 -0.61 11.86
N VAL A 594 26.71 -1.42 10.81
CA VAL A 594 25.73 -1.15 9.74
C VAL A 594 24.29 -1.37 10.25
N ASN A 595 24.17 -2.07 11.38
CA ASN A 595 22.92 -2.23 12.15
C ASN A 595 22.68 -0.97 13.01
N MET A 596 22.50 0.18 12.35
CA MET A 596 22.43 1.51 13.01
C MET A 596 21.03 2.04 12.95
N LEU A 597 20.74 3.06 13.74
CA LEU A 597 19.46 3.75 13.63
C LEU A 597 19.58 5.05 12.80
N VAL A 598 18.77 5.18 11.76
CA VAL A 598 18.83 6.36 10.90
C VAL A 598 17.70 7.34 11.20
N LEU A 599 17.98 8.32 12.07
CA LEU A 599 17.08 9.43 12.30
C LEU A 599 17.61 10.64 11.54
N GLY A 600 17.38 10.66 10.23
CA GLY A 600 17.80 11.78 9.40
C GLY A 600 19.30 11.82 9.13
N LYS A 601 19.94 12.89 9.59
CA LYS A 601 21.40 13.04 9.51
C LYS A 601 22.05 12.54 10.79
N HIS A 602 21.23 12.24 11.80
CA HIS A 602 21.68 11.66 13.06
C HIS A 602 21.68 10.11 13.02
N LEU A 603 22.86 9.50 13.01
CA LEU A 603 22.97 8.06 12.97
C LEU A 603 23.32 7.55 14.34
N GLY A 604 22.57 6.55 14.79
CA GLY A 604 22.88 5.82 16.05
C GLY A 604 23.61 4.51 15.79
N ILE A 605 24.92 4.59 15.75
CA ILE A 605 25.74 3.45 15.39
C ILE A 605 26.19 2.68 16.64
N PRO A 606 26.14 1.35 16.62
CA PRO A 606 26.81 0.46 17.58
C PRO A 606 28.33 0.71 17.78
N LYS A 607 28.74 0.81 19.06
CA LYS A 607 30.11 1.15 19.40
C LYS A 607 30.96 -0.12 19.18
N PRO A 608 31.84 -0.06 18.18
CA PRO A 608 32.65 -1.23 17.87
C PRO A 608 33.70 -1.61 18.91
N PHE A 609 34.08 -0.66 19.77
CA PHE A 609 35.22 -0.83 20.67
C PHE A 609 36.48 -1.29 19.93
N GLY A 610 36.79 -0.60 18.84
CA GLY A 610 37.94 -0.95 18.04
C GLY A 610 39.24 -0.59 18.75
N PRO A 611 40.39 -1.01 18.19
CA PRO A 611 41.71 -0.67 18.74
C PRO A 611 41.96 0.83 18.78
N VAL A 612 42.52 1.30 19.89
CA VAL A 612 42.63 2.72 20.15
C VAL A 612 44.00 3.23 19.66
N ILE A 613 43.97 4.15 18.71
CA ILE A 613 45.13 4.76 18.11
C ILE A 613 44.86 6.27 18.11
N ASN A 614 45.81 7.08 18.60
CA ASN A 614 45.61 8.54 18.69
C ASN A 614 44.34 8.89 19.52
N GLY A 615 44.13 8.18 20.62
CA GLY A 615 43.06 8.50 21.56
C GLY A 615 41.66 8.34 21.00
N ARG A 616 41.55 7.78 19.82
CA ARG A 616 40.25 7.46 19.35
C ARG A 616 40.30 6.03 18.77
N CYS A 617 39.21 5.22 18.93
CA CYS A 617 38.94 3.91 18.20
C CYS A 617 38.99 4.09 16.66
N CYS A 618 39.71 3.25 15.91
CA CYS A 618 40.00 3.56 14.49
C CYS A 618 38.90 3.18 13.53
N LEU A 619 38.08 2.21 13.95
CA LEU A 619 36.89 1.87 13.21
C LEU A 619 36.01 3.10 13.22
N GLU A 620 35.74 3.60 14.43
CA GLU A 620 34.86 4.79 14.61
C GLU A 620 35.28 5.84 13.64
N GLU A 621 36.57 6.17 13.69
CA GLU A 621 37.21 7.13 12.80
C GLU A 621 37.08 6.81 11.33
N LYS A 622 37.12 5.53 11.00
CA LYS A 622 36.99 5.13 9.61
C LYS A 622 35.56 5.37 9.10
N VAL A 623 34.55 5.04 9.90
CA VAL A 623 33.13 5.33 9.55
C VAL A 623 32.92 6.83 9.35
N CYS A 624 33.37 7.59 10.35
CA CYS A 624 33.30 9.05 10.35
C CYS A 624 33.91 9.60 9.07
N SER A 625 35.10 9.15 8.68
CA SER A 625 35.70 9.63 7.41
C SER A 625 34.88 9.29 6.18
N LEU A 626 33.99 8.32 6.30
CA LEU A 626 33.13 7.92 5.21
C LEU A 626 31.77 8.56 5.26
N LEU A 627 31.21 8.70 6.46
CA LEU A 627 29.88 9.31 6.65
C LEU A 627 29.83 10.84 6.73
N GLU A 628 30.71 11.45 7.51
CA GLU A 628 30.69 12.90 7.71
C GLU A 628 30.85 13.74 6.45
N PRO A 629 31.68 13.29 5.49
CA PRO A 629 31.66 13.95 4.18
C PRO A 629 30.24 14.18 3.65
N LEU A 630 29.28 13.33 4.01
CA LEU A 630 27.91 13.45 3.50
C LEU A 630 26.93 14.24 4.41
N GLY A 631 27.42 14.83 5.49
CA GLY A 631 26.55 15.55 6.43
C GLY A 631 26.00 14.67 7.55
N LEU A 632 26.54 13.45 7.70
CA LEU A 632 26.01 12.53 8.71
C LEU A 632 26.78 12.62 10.00
N GLN A 633 26.05 12.70 11.11
CA GLN A 633 26.61 12.86 12.44
C GLN A 633 26.52 11.52 13.11
N CYS A 634 27.68 10.90 13.36
CA CYS A 634 27.75 9.51 13.86
C CYS A 634 27.89 9.42 15.37
N THR A 635 26.83 9.01 16.04
CA THR A 635 26.91 8.77 17.46
C THR A 635 27.23 7.28 17.57
N PHE A 636 28.02 6.91 18.55
CA PHE A 636 28.34 5.52 18.76
C PHE A 636 27.76 5.09 20.10
N ILE A 637 26.90 4.09 20.07
CA ILE A 637 26.16 3.74 21.24
C ILE A 637 26.62 2.37 21.71
N ASN A 638 26.95 2.30 23.00
CA ASN A 638 27.40 1.07 23.60
C ASN A 638 26.17 0.22 23.79
N ASP A 639 26.14 -0.92 23.11
CA ASP A 639 25.05 -1.90 23.26
C ASP A 639 25.63 -3.25 23.60
N PHE A 640 26.84 -3.23 24.14
CA PHE A 640 27.71 -4.42 24.17
C PHE A 640 27.18 -5.62 24.99
N PHE A 641 26.93 -5.40 26.29
CA PHE A 641 26.38 -6.41 27.18
C PHE A 641 24.86 -6.45 27.16
N THR A 642 24.22 -5.32 26.81
CA THR A 642 22.76 -5.29 26.58
C THR A 642 22.34 -6.03 25.31
N TYR A 643 22.81 -5.60 24.13
CA TYR A 643 22.34 -6.13 22.83
C TYR A 643 23.29 -7.06 22.11
N HIS A 644 24.55 -6.68 21.96
CA HIS A 644 25.48 -7.43 21.09
C HIS A 644 25.67 -8.90 21.51
N ILE A 645 25.98 -9.15 22.79
CA ILE A 645 26.15 -10.51 23.32
C ILE A 645 24.83 -11.33 23.32
N ARG A 646 23.70 -10.64 23.10
CA ARG A 646 22.42 -11.29 22.80
C ARG A 646 22.08 -11.38 21.31
N HIS A 647 23.05 -11.10 20.43
CA HIS A 647 22.95 -11.29 18.98
C HIS A 647 22.17 -10.21 18.23
N GLY A 648 22.36 -8.97 18.64
CA GLY A 648 21.82 -7.86 17.86
C GLY A 648 22.53 -6.59 18.24
N GLU A 649 22.06 -5.48 17.70
CA GLU A 649 22.59 -4.16 17.97
C GLU A 649 21.44 -3.15 18.01
N VAL A 650 21.79 -1.86 17.84
CA VAL A 650 20.91 -0.67 17.93
C VAL A 650 19.67 -0.73 17.03
N HIS A 651 19.86 -1.00 15.74
CA HIS A 651 18.70 -1.11 14.81
C HIS A 651 17.72 -2.22 15.27
N CYS A 652 18.28 -3.39 15.60
CA CYS A 652 17.51 -4.48 16.23
C CYS A 652 16.70 -4.14 17.51
N GLY A 653 17.22 -3.21 18.32
CA GLY A 653 16.57 -2.77 19.55
C GLY A 653 15.40 -1.80 19.38
N THR A 654 15.27 -1.23 18.17
CA THR A 654 14.40 -0.07 17.94
C THR A 654 13.58 -0.15 16.66
N ASN A 655 12.78 0.89 16.43
CA ASN A 655 11.93 0.97 15.27
C ASN A 655 11.54 2.45 14.99
N VAL A 656 11.08 2.77 13.78
CA VAL A 656 10.79 4.16 13.45
C VAL A 656 9.57 4.29 12.56
N ARG A 657 8.65 5.17 12.94
CA ARG A 657 7.58 5.60 12.06
C ARG A 657 8.17 6.75 11.29
N ARG A 658 8.02 6.75 9.98
CA ARG A 658 8.57 7.82 9.16
C ARG A 658 7.49 8.38 8.27
N LYS A 659 7.73 9.63 7.85
CA LYS A 659 6.80 10.40 7.01
C LYS A 659 6.53 9.71 5.62
N PRO A 660 5.25 9.59 5.24
CA PRO A 660 4.95 8.97 3.95
C PRO A 660 5.38 9.78 2.75
N PHE A 661 5.65 9.13 1.63
CA PHE A 661 6.01 9.83 0.41
C PHE A 661 4.90 10.81 -0.02
N SER A 662 5.28 11.98 -0.50
CA SER A 662 4.34 12.92 -1.12
C SER A 662 3.74 12.30 -2.36
N PHE A 663 4.59 11.66 -3.15
CA PHE A 663 4.20 10.98 -4.39
C PHE A 663 3.02 10.06 -4.09
N LYS A 664 2.00 10.12 -4.93
CA LYS A 664 0.81 9.32 -4.69
C LYS A 664 0.99 8.00 -5.41
N TRP A 665 0.96 6.89 -4.66
CA TRP A 665 1.15 5.53 -5.22
C TRP A 665 0.29 5.23 -6.50
N TRP A 666 -0.90 5.81 -6.60
CA TRP A 666 -1.77 5.57 -7.78
C TRP A 666 -1.27 6.21 -9.10
N ASN A 667 -0.39 7.21 -9.01
CA ASN A 667 0.24 7.80 -10.19
C ASN A 667 1.43 6.97 -10.66
N MET A 668 1.78 5.93 -9.91
CA MET A 668 2.72 4.97 -10.36
C MET A 668 2.07 4.19 -11.50
N VAL A 669 2.85 3.67 -12.43
CA VAL A 669 2.34 2.66 -13.37
C VAL A 669 3.15 1.35 -13.18
N PRO A 670 2.72 0.46 -12.22
CA PRO A 670 3.60 -0.70 -11.87
C PRO A 670 3.67 -1.76 -12.97
#